data_5A3D
#
_entry.id   5A3D
#
_cell.length_a   53.727
_cell.length_b   53.727
_cell.length_c   130.551
_cell.angle_alpha   90.00
_cell.angle_beta   90.00
_cell.angle_gamma   90.00
#
_symmetry.space_group_name_H-M   'P 41'
#
loop_
_entity.id
_entity.type
_entity.pdbx_description
1 polymer 'DNA REPAIR PROTEIN RAD14'
2 polymer "5'-D(*DTP*CP*TP*CP*TP*AP*C 8FGP*TP*CP*AP*TP*CP*DAP*CP)-3'"
3 polymer "5'-D(*DG 5IUP*GP*A 5IUP*GP*AP*CP*G 5IUP*AP*GP*AP*DGP*AP)-3'"
4 non-polymer 'ZINC ION'
5 water water
#
loop_
_entity_poly.entity_id
_entity_poly.type
_entity_poly.pdbx_seq_one_letter_code
_entity_poly.pdbx_strand_id
1 'polypeptide(L)'
;APKCIECHINIEMDPVLHDVFKLQVCKQCSKEHPEKYALLTKTECKEDYFLTDPELNDEDLFHRLEKPNPHSGTFARMQL
FVRCEVEAFAFKKWGGEEGLDEEWQRREEGKAHRR
;
A,B
2 'polydeoxyribonucleotide' (DT)(DC)(DT)(DC)(DT)(DA)(DC)(8FG)(DT)(DC)(DA)(DT)(DC)(DA)(DC) C
3 'polydeoxyribonucleotide' (DG)(5IU)(DG)(DA)(5IU)(DG)(DA)(DC)(DG)(5IU)(DA)(DG)(DA)(DG)(DA) D
#
loop_
_chem_comp.id
_chem_comp.type
_chem_comp.name
_chem_comp.formula
5IU DNA linking 5-IODO-2'-DEOXYURIDINE-5'-MONOPHOSPHATE 'C9 H12 I N2 O8 P'
8FG DNA linking N-(5'-PHOSPHO-2'-DEOXYGUANOSIN-8-YL)-2-ACETYLAMINOFLUORENE 'C25 H25 N6 O8 P'
DA DNA linking 2'-DEOXYADENOSINE-5'-MONOPHOSPHATE 'C10 H14 N5 O6 P'
DC DNA linking 2'-DEOXYCYTIDINE-5'-MONOPHOSPHATE 'C9 H14 N3 O7 P'
DG DNA linking 2'-DEOXYGUANOSINE-5'-MONOPHOSPHATE 'C10 H14 N5 O7 P'
DT DNA linking THYMIDINE-5'-MONOPHOSPHATE 'C10 H15 N2 O8 P'
ZN non-polymer 'ZINC ION' 'Zn 2'
#
# COMPACT_ATOMS: atom_id res chain seq x y z
N ALA A 1 30.44 35.75 -8.27
CA ALA A 1 30.44 34.56 -9.23
C ALA A 1 30.66 33.19 -8.50
N PRO A 2 29.58 32.44 -8.28
CA PRO A 2 29.69 31.31 -7.34
C PRO A 2 30.37 30.06 -7.92
N LYS A 3 31.26 29.43 -7.14
CA LYS A 3 32.09 28.34 -7.64
C LYS A 3 31.61 27.00 -7.18
N CYS A 4 31.89 25.98 -8.00
CA CYS A 4 31.64 24.61 -7.60
C CYS A 4 32.28 24.23 -6.25
N ILE A 5 31.47 23.61 -5.36
CA ILE A 5 31.95 23.28 -4.02
C ILE A 5 32.98 22.13 -4.01
N GLU A 6 33.12 21.36 -5.11
CA GLU A 6 34.25 20.41 -5.16
C GLU A 6 35.54 21.00 -5.70
N CYS A 7 35.50 21.58 -6.91
CA CYS A 7 36.71 22.04 -7.52
C CYS A 7 37.13 23.47 -7.10
N HIS A 8 36.16 24.32 -6.79
CA HIS A 8 36.38 25.75 -6.49
C HIS A 8 36.82 26.60 -7.72
N ILE A 9 36.53 26.06 -8.89
CA ILE A 9 36.97 26.56 -10.17
C ILE A 9 35.86 26.86 -11.12
N ASN A 10 35.13 25.81 -11.51
CA ASN A 10 34.03 25.94 -12.44
C ASN A 10 32.88 26.75 -11.82
N ILE A 11 32.25 27.56 -12.67
CA ILE A 11 31.06 28.33 -12.35
C ILE A 11 29.81 27.82 -13.11
N GLU A 12 29.96 26.81 -13.98
CA GLU A 12 28.82 26.26 -14.71
C GLU A 12 28.47 24.96 -13.97
N MET A 13 27.32 24.95 -13.27
CA MET A 13 27.00 23.76 -12.46
C MET A 13 26.29 22.73 -13.31
N ASP A 14 26.33 21.48 -12.87
CA ASP A 14 25.57 20.45 -13.54
C ASP A 14 24.08 20.74 -13.45
N PRO A 15 23.38 20.79 -14.59
CA PRO A 15 21.98 21.25 -14.45
C PRO A 15 21.18 20.34 -13.54
N VAL A 16 21.36 19.05 -13.64
CA VAL A 16 20.55 18.17 -12.84
C VAL A 16 20.86 18.34 -11.36
N LEU A 17 22.15 18.23 -11.01
CA LEU A 17 22.57 18.31 -9.60
C LEU A 17 22.18 19.62 -8.97
N HIS A 18 22.26 20.67 -9.75
CA HIS A 18 21.92 21.97 -9.27
C HIS A 18 20.41 22.17 -9.21
N ASP A 19 19.71 21.96 -10.30
CA ASP A 19 18.29 22.34 -10.33
C ASP A 19 17.42 21.37 -9.52
N VAL A 20 17.75 20.10 -9.60
CA VAL A 20 16.95 19.06 -8.97
C VAL A 20 17.43 18.81 -7.57
N PHE A 21 18.71 18.61 -7.38
CA PHE A 21 19.24 18.19 -6.10
C PHE A 21 19.80 19.38 -5.26
N LYS A 22 19.77 20.58 -5.83
CA LYS A 22 20.24 21.80 -5.15
C LYS A 22 21.70 21.74 -4.67
N LEU A 23 22.57 21.17 -5.47
CA LEU A 23 23.99 21.01 -5.18
C LEU A 23 24.74 21.95 -6.17
N GLN A 24 25.59 22.84 -5.68
CA GLN A 24 26.47 23.67 -6.55
C GLN A 24 27.71 22.91 -6.97
N VAL A 25 27.51 21.96 -7.86
CA VAL A 25 28.56 20.96 -8.28
C VAL A 25 28.58 20.90 -9.80
N CYS A 26 29.76 21.03 -10.44
CA CYS A 26 29.91 20.95 -11.87
C CYS A 26 29.86 19.50 -12.29
N LYS A 27 29.66 19.34 -13.56
CA LYS A 27 29.42 18.05 -14.04
C LYS A 27 30.71 17.21 -13.94
N GLN A 28 31.83 17.80 -14.17
CA GLN A 28 33.12 17.08 -14.18
C GLN A 28 33.38 16.51 -12.78
N CYS A 29 33.15 17.33 -11.75
CA CYS A 29 33.28 16.94 -10.40
C CYS A 29 32.29 15.86 -9.97
N SER A 30 31.08 15.98 -10.46
CA SER A 30 30.09 14.94 -10.24
C SER A 30 30.59 13.52 -10.81
N LYS A 31 31.25 13.47 -11.96
CA LYS A 31 31.77 12.21 -12.52
C LYS A 31 33.00 11.75 -11.75
N GLU A 32 33.75 12.68 -11.17
CA GLU A 32 34.95 12.39 -10.38
C GLU A 32 34.67 11.95 -8.91
N HIS A 33 33.44 12.14 -8.48
CA HIS A 33 33.05 11.82 -7.12
C HIS A 33 31.71 11.13 -7.06
N PRO A 34 31.62 9.95 -7.70
CA PRO A 34 30.40 9.15 -7.71
C PRO A 34 29.97 8.69 -6.34
N GLU A 35 30.92 8.55 -5.41
CA GLU A 35 30.58 8.24 -3.97
C GLU A 35 29.69 9.29 -3.32
N LYS A 36 29.65 10.48 -3.92
CA LYS A 36 28.72 11.54 -3.50
C LYS A 36 27.54 11.81 -4.46
N TYR A 37 27.81 11.78 -5.77
CA TYR A 37 26.93 12.39 -6.74
C TYR A 37 26.27 11.48 -7.76
N ALA A 38 26.57 10.22 -7.69
CA ALA A 38 25.99 9.25 -8.55
C ALA A 38 24.45 9.24 -8.34
N LEU A 39 23.74 9.07 -9.42
CA LEU A 39 22.27 8.90 -9.36
C LEU A 39 21.93 7.46 -9.30
N LEU A 40 21.04 7.12 -8.37
CA LEU A 40 20.64 5.75 -8.17
C LEU A 40 19.15 5.59 -8.41
N THR A 41 18.77 4.49 -9.03
CA THR A 41 17.35 4.22 -9.20
C THR A 41 16.70 3.92 -7.85
N LYS A 42 15.37 4.02 -7.83
CA LYS A 42 14.58 3.58 -6.70
C LYS A 42 14.91 2.13 -6.32
N THR A 43 15.08 1.24 -7.32
CA THR A 43 15.40 -0.15 -7.05
C THR A 43 16.77 -0.29 -6.33
N GLU A 44 17.75 0.45 -6.86
CA GLU A 44 19.14 0.49 -6.31
C GLU A 44 19.12 1.01 -4.87
N CYS A 45 18.36 2.05 -4.59
CA CYS A 45 18.19 2.54 -3.19
C CYS A 45 17.60 1.47 -2.26
N LYS A 46 16.68 0.66 -2.76
CA LYS A 46 16.15 -0.41 -1.91
C LYS A 46 17.20 -1.54 -1.70
N GLU A 47 17.84 -1.86 -2.79
CA GLU A 47 18.87 -2.95 -2.81
C GLU A 47 20.12 -2.61 -2.06
N ASP A 48 20.58 -1.37 -2.13
CA ASP A 48 21.93 -1.01 -1.71
C ASP A 48 21.84 -0.56 -0.29
N TYR A 49 20.77 0.14 0.02
CA TYR A 49 20.65 0.82 1.32
C TYR A 49 19.50 0.39 2.22
N PHE A 50 18.70 -0.53 1.73
CA PHE A 50 17.58 -1.07 2.50
C PHE A 50 16.59 -0.01 2.90
N LEU A 51 16.28 0.88 1.98
CA LEU A 51 15.26 1.91 2.19
C LEU A 51 13.96 1.36 1.72
N THR A 52 12.87 1.79 2.36
CA THR A 52 11.55 1.25 2.00
C THR A 52 10.80 2.21 1.06
N ASP A 53 9.74 1.71 0.43
CA ASP A 53 8.87 2.57 -0.36
C ASP A 53 8.38 3.76 0.39
N PRO A 54 7.92 3.61 1.65
CA PRO A 54 7.48 4.79 2.40
C PRO A 54 8.54 5.86 2.57
N GLU A 55 9.78 5.44 2.72
CA GLU A 55 10.88 6.36 2.86
C GLU A 55 11.16 7.06 1.52
N LEU A 56 11.24 6.27 0.47
CA LEU A 56 11.70 6.80 -0.79
C LEU A 56 10.59 7.58 -1.46
N ASN A 57 9.33 7.28 -1.13
CA ASN A 57 8.17 7.97 -1.65
C ASN A 57 7.94 9.29 -0.93
N ASP A 58 8.67 9.53 0.15
CA ASP A 58 8.40 10.72 0.93
C ASP A 58 8.99 11.94 0.24
N GLU A 59 8.15 12.76 -0.37
CA GLU A 59 8.60 14.01 -1.13
C GLU A 59 9.37 15.03 -0.29
N ASP A 60 9.15 15.00 1.03
CA ASP A 60 9.80 15.93 1.92
C ASP A 60 11.14 15.41 2.35
N LEU A 61 11.39 14.10 2.22
CA LEU A 61 12.69 13.48 2.60
C LEU A 61 13.83 13.42 1.54
N PHE A 62 13.47 13.24 0.29
CA PHE A 62 14.53 13.12 -0.75
C PHE A 62 14.16 13.98 -1.89
N HIS A 63 15.16 14.60 -2.51
CA HIS A 63 14.93 15.15 -3.83
C HIS A 63 14.93 13.98 -4.82
N ARG A 64 14.21 14.14 -5.93
CA ARG A 64 14.35 13.11 -6.95
C ARG A 64 14.06 13.62 -8.35
N LEU A 65 14.68 12.97 -9.31
CA LEU A 65 14.53 13.19 -10.72
C LEU A 65 13.78 12.04 -11.30
N GLU A 66 12.72 12.34 -12.04
CA GLU A 66 11.92 11.31 -12.75
C GLU A 66 12.23 11.31 -14.23
N LYS A 67 12.29 10.13 -14.83
CA LYS A 67 12.40 9.97 -16.28
C LYS A 67 11.44 8.92 -16.73
N PRO A 68 11.23 8.82 -18.05
CA PRO A 68 10.45 7.68 -18.54
C PRO A 68 11.12 6.39 -18.24
N ASN A 69 10.33 5.37 -17.94
CA ASN A 69 10.91 4.07 -17.65
C ASN A 69 11.67 3.62 -18.94
N PRO A 70 12.90 3.16 -18.83
CA PRO A 70 13.64 2.81 -20.04
C PRO A 70 13.17 1.52 -20.71
N HIS A 71 12.48 0.62 -19.98
CA HIS A 71 11.87 -0.53 -20.57
C HIS A 71 10.66 -0.24 -21.46
N SER A 72 9.85 0.72 -21.08
CA SER A 72 8.67 1.13 -21.83
C SER A 72 8.15 2.39 -21.18
N GLY A 73 7.81 3.39 -21.99
CA GLY A 73 7.09 4.56 -21.47
C GLY A 73 5.70 4.37 -20.86
N THR A 74 5.06 3.25 -21.11
CA THR A 74 3.85 2.82 -20.37
C THR A 74 4.10 2.22 -19.00
N PHE A 75 5.34 1.94 -18.68
CA PHE A 75 5.62 1.42 -17.32
C PHE A 75 5.79 2.62 -16.38
N ALA A 76 5.78 2.35 -15.08
CA ALA A 76 5.94 3.40 -14.09
C ALA A 76 7.30 4.16 -14.26
N ARG A 77 7.25 5.45 -14.05
CA ARG A 77 8.41 6.27 -14.28
C ARG A 77 9.57 5.88 -13.38
N MET A 78 10.73 5.90 -14.02
CA MET A 78 12.01 5.77 -13.27
C MET A 78 12.18 6.95 -12.31
N GLN A 79 12.70 6.68 -11.16
CA GLN A 79 13.00 7.65 -10.14
C GLN A 79 14.50 7.56 -9.73
N LEU A 80 15.17 8.69 -9.78
CA LEU A 80 16.62 8.79 -9.53
C LEU A 80 16.86 9.64 -8.31
N PHE A 81 17.72 9.14 -7.51
CA PHE A 81 18.08 9.80 -6.25
C PHE A 81 19.61 10.00 -6.21
N VAL A 82 20.04 11.02 -5.46
CA VAL A 82 21.44 11.33 -5.38
C VAL A 82 22.09 10.59 -4.17
N ARG A 83 23.22 9.94 -4.47
CA ARG A 83 23.82 9.08 -3.48
C ARG A 83 24.02 9.78 -2.13
N CYS A 84 24.52 11.02 -2.12
CA CYS A 84 24.89 11.63 -0.86
C CYS A 84 23.59 11.74 0.05
N GLU A 85 22.41 11.99 -0.55
CA GLU A 85 21.14 12.08 0.25
C GLU A 85 20.72 10.75 0.81
N VAL A 86 20.65 9.80 -0.08
CA VAL A 86 20.24 8.44 0.20
C VAL A 86 21.18 7.78 1.27
N GLU A 87 22.47 8.00 1.11
CA GLU A 87 23.42 7.44 2.01
C GLU A 87 23.33 8.09 3.39
N ALA A 88 23.17 9.42 3.43
CA ALA A 88 23.05 10.09 4.73
C ALA A 88 21.83 9.58 5.50
N PHE A 89 20.69 9.38 4.80
CA PHE A 89 19.49 8.82 5.45
C PHE A 89 19.70 7.35 5.90
N ALA A 90 20.31 6.52 5.03
CA ALA A 90 20.61 5.15 5.33
C ALA A 90 21.52 4.97 6.54
N PHE A 91 22.50 5.86 6.66
CA PHE A 91 23.45 5.84 7.77
C PHE A 91 22.74 6.19 9.06
N LYS A 92 21.80 7.13 9.03
CA LYS A 92 20.99 7.42 10.20
C LYS A 92 20.09 6.25 10.61
N LYS A 93 19.44 5.62 9.63
CA LYS A 93 18.56 4.47 9.85
C LYS A 93 19.29 3.28 10.43
N TRP A 94 20.45 2.97 9.88
CA TRP A 94 21.07 1.71 10.19
C TRP A 94 22.27 1.77 11.15
N GLY A 95 22.68 2.96 11.55
CA GLY A 95 23.84 3.17 12.43
C GLY A 95 25.16 3.17 11.71
N GLY A 96 25.42 4.24 10.95
CA GLY A 96 26.66 4.41 10.17
C GLY A 96 26.86 3.36 9.10
N GLU A 97 27.97 3.47 8.37
CA GLU A 97 28.36 2.44 7.42
C GLU A 97 28.52 1.09 8.10
N GLU A 98 29.03 1.16 9.33
CA GLU A 98 29.14 0.00 10.26
C GLU A 98 27.83 -0.79 10.29
N GLY A 99 26.77 -0.12 10.72
CA GLY A 99 25.49 -0.77 10.92
C GLY A 99 24.80 -1.21 9.64
N LEU A 100 25.05 -0.47 8.54
CA LEU A 100 24.49 -0.86 7.26
C LEU A 100 25.11 -2.17 6.80
N ASP A 101 26.44 -2.28 6.92
CA ASP A 101 27.16 -3.47 6.47
C ASP A 101 26.74 -4.67 7.34
N GLU A 102 26.48 -4.40 8.62
CA GLU A 102 25.85 -5.39 9.46
C GLU A 102 24.50 -5.91 8.94
N GLU A 103 23.64 -4.98 8.47
CA GLU A 103 22.33 -5.36 7.93
C GLU A 103 22.53 -6.20 6.68
N TRP A 104 23.52 -5.81 5.86
CA TRP A 104 23.88 -6.56 4.67
C TRP A 104 24.17 -7.98 5.11
N GLN A 105 25.16 -8.08 6.02
CA GLN A 105 25.61 -9.36 6.58
C GLN A 105 24.37 -10.13 7.04
N ARG A 106 23.58 -9.51 7.90
CA ARG A 106 22.36 -10.18 8.35
C ARG A 106 21.44 -10.63 7.23
N ARG A 107 21.02 -9.72 6.34
CA ARG A 107 20.06 -10.15 5.33
C ARG A 107 20.61 -11.33 4.53
N GLU A 108 21.89 -11.27 4.21
CA GLU A 108 22.55 -12.30 3.41
C GLU A 108 22.53 -13.67 4.13
N GLU A 109 22.86 -13.68 5.41
CA GLU A 109 22.72 -14.91 6.23
C GLU A 109 21.29 -15.44 6.19
N GLY A 110 20.31 -14.54 6.29
CA GLY A 110 18.89 -14.89 6.34
C GLY A 110 18.43 -15.75 5.19
N LYS A 111 18.80 -15.38 3.96
CA LYS A 111 18.44 -16.20 2.79
C LYS A 111 19.30 -17.46 2.63
N ALA A 112 20.50 -17.46 3.21
CA ALA A 112 21.35 -18.66 3.22
C ALA A 112 20.59 -19.84 3.79
N HIS A 113 19.94 -19.60 4.94
CA HIS A 113 19.10 -20.61 5.59
C HIS A 113 17.98 -21.11 4.68
N ARG A 114 17.42 -20.21 3.87
CA ARG A 114 16.30 -20.53 2.99
C ARG A 114 16.79 -20.83 1.59
N ALA B 1 -47.98 -0.76 -5.00
CA ALA B 1 -46.56 -0.32 -4.72
C ALA B 1 -45.53 -1.49 -4.63
N PRO B 2 -44.24 -1.19 -4.75
CA PRO B 2 -43.25 -2.28 -4.78
C PRO B 2 -43.12 -2.99 -3.39
N LYS B 3 -43.08 -4.33 -3.39
CA LYS B 3 -43.07 -5.08 -2.12
C LYS B 3 -41.72 -5.70 -1.83
N CYS B 4 -41.39 -5.74 -0.58
CA CYS B 4 -40.19 -6.46 -0.10
C CYS B 4 -40.02 -7.85 -0.69
N ILE B 5 -38.81 -8.13 -1.17
CA ILE B 5 -38.55 -9.39 -1.86
C ILE B 5 -38.50 -10.59 -0.90
N GLU B 6 -38.46 -10.36 0.41
CA GLU B 6 -38.50 -11.50 1.31
C GLU B 6 -39.93 -11.82 1.71
N CYS B 7 -40.61 -10.83 2.28
CA CYS B 7 -41.91 -11.10 2.83
C CYS B 7 -43.05 -10.95 1.82
N HIS B 8 -42.84 -10.09 0.83
CA HIS B 8 -43.86 -9.75 -0.21
C HIS B 8 -45.09 -8.98 0.27
N ILE B 9 -44.90 -8.34 1.42
CA ILE B 9 -45.92 -7.68 2.18
C ILE B 9 -45.61 -6.23 2.41
N ASN B 10 -44.50 -5.94 3.06
CA ASN B 10 -44.13 -4.59 3.42
C ASN B 10 -43.76 -3.82 2.15
N ILE B 11 -44.10 -2.55 2.21
CA ILE B 11 -43.82 -1.55 1.24
C ILE B 11 -42.77 -0.53 1.65
N GLU B 12 -42.48 -0.45 2.96
CA GLU B 12 -41.48 0.45 3.46
C GLU B 12 -40.15 -0.31 3.59
N MET B 13 -39.14 0.04 2.77
CA MET B 13 -37.86 -0.74 2.78
C MET B 13 -36.94 -0.17 3.85
N ASP B 14 -36.00 -0.99 4.28
CA ASP B 14 -34.99 -0.55 5.19
C ASP B 14 -34.14 0.53 4.49
N PRO B 15 -33.99 1.72 5.11
CA PRO B 15 -33.37 2.83 4.39
C PRO B 15 -31.93 2.47 3.98
N VAL B 16 -31.19 1.80 4.86
CA VAL B 16 -29.83 1.44 4.52
C VAL B 16 -29.75 0.42 3.41
N LEU B 17 -30.48 -0.67 3.58
CA LEU B 17 -30.47 -1.75 2.58
C LEU B 17 -30.89 -1.30 1.23
N HIS B 18 -31.87 -0.44 1.21
CA HIS B 18 -32.38 0.05 -0.02
C HIS B 18 -31.47 1.12 -0.63
N ASP B 19 -31.15 2.16 0.12
CA ASP B 19 -30.48 3.32 -0.47
C ASP B 19 -29.02 2.98 -0.75
N VAL B 20 -28.37 2.24 0.16
CA VAL B 20 -26.90 1.99 0.05
C VAL B 20 -26.62 0.71 -0.69
N PHE B 21 -27.34 -0.36 -0.36
CA PHE B 21 -27.02 -1.64 -0.87
C PHE B 21 -27.97 -2.06 -2.03
N LYS B 22 -28.99 -1.23 -2.33
CA LYS B 22 -29.87 -1.44 -3.47
C LYS B 22 -30.72 -2.69 -3.36
N LEU B 23 -31.20 -2.93 -2.17
CA LEU B 23 -31.97 -4.18 -1.87
C LEU B 23 -33.36 -3.74 -1.46
N GLN B 24 -34.35 -4.22 -2.18
CA GLN B 24 -35.74 -4.01 -1.81
C GLN B 24 -36.20 -4.96 -0.68
N VAL B 25 -35.69 -4.68 0.52
CA VAL B 25 -35.87 -5.55 1.72
C VAL B 25 -36.25 -4.69 2.90
N CYS B 26 -37.31 -5.06 3.60
CA CYS B 26 -37.78 -4.31 4.76
C CYS B 26 -36.87 -4.57 5.97
N LYS B 27 -36.99 -3.74 6.96
CA LYS B 27 -36.12 -3.81 8.11
C LYS B 27 -36.40 -5.15 8.90
N GLN B 28 -37.66 -5.52 9.00
CA GLN B 28 -38.01 -6.71 9.76
C GLN B 28 -37.34 -7.98 9.14
N CYS B 29 -37.51 -8.11 7.83
CA CYS B 29 -36.96 -9.18 7.06
C CYS B 29 -35.45 -9.17 7.11
N SER B 30 -34.83 -7.99 7.05
CA SER B 30 -33.39 -7.97 7.21
C SER B 30 -32.98 -8.55 8.61
N LYS B 31 -33.70 -8.27 9.69
CA LYS B 31 -33.34 -8.85 10.99
C LYS B 31 -33.66 -10.35 11.05
N GLU B 32 -34.65 -10.79 10.28
CA GLU B 32 -35.01 -12.22 10.27
C GLU B 32 -34.06 -13.08 9.42
N HIS B 33 -33.25 -12.44 8.57
CA HIS B 33 -32.42 -13.10 7.60
C HIS B 33 -30.98 -12.53 7.56
N PRO B 34 -30.32 -12.55 8.73
CA PRO B 34 -28.94 -12.06 8.86
C PRO B 34 -27.94 -12.81 8.02
N GLU B 35 -28.23 -14.08 7.71
CA GLU B 35 -27.42 -14.81 6.71
C GLU B 35 -27.36 -14.17 5.34
N LYS B 36 -28.33 -13.31 5.04
CA LYS B 36 -28.30 -12.46 3.85
C LYS B 36 -27.96 -10.98 4.14
N TYR B 37 -28.52 -10.40 5.20
CA TYR B 37 -28.58 -8.99 5.26
C TYR B 37 -27.75 -8.30 6.32
N ALA B 38 -27.05 -9.08 7.10
CA ALA B 38 -26.29 -8.50 8.17
C ALA B 38 -25.19 -7.60 7.61
N LEU B 39 -24.81 -6.61 8.39
CA LEU B 39 -23.73 -5.71 7.96
C LEU B 39 -22.47 -6.13 8.71
N LEU B 40 -21.37 -6.19 7.96
CA LEU B 40 -20.11 -6.71 8.45
C LEU B 40 -19.11 -5.59 8.32
N THR B 41 -18.28 -5.44 9.33
CA THR B 41 -17.20 -4.49 9.21
C THR B 41 -16.18 -4.98 8.21
N LYS B 42 -15.33 -4.05 7.82
CA LYS B 42 -14.20 -4.35 7.04
C LYS B 42 -13.29 -5.44 7.68
N THR B 43 -13.06 -5.36 8.98
CA THR B 43 -12.25 -6.34 9.67
C THR B 43 -12.93 -7.72 9.64
N GLU B 44 -14.24 -7.75 9.83
CA GLU B 44 -15.04 -9.00 9.81
C GLU B 44 -14.98 -9.62 8.43
N CYS B 45 -15.08 -8.82 7.40
CA CYS B 45 -14.86 -9.32 6.00
C CYS B 45 -13.49 -9.97 5.83
N LYS B 46 -12.45 -9.40 6.42
CA LYS B 46 -11.12 -10.03 6.27
C LYS B 46 -11.02 -11.35 7.04
N GLU B 47 -11.50 -11.28 8.28
CA GLU B 47 -11.48 -12.42 9.22
C GLU B 47 -12.38 -13.57 8.79
N ASP B 48 -13.59 -13.28 8.34
CA ASP B 48 -14.60 -14.30 8.03
C ASP B 48 -14.49 -14.86 6.62
N TYR B 49 -14.11 -14.05 5.65
CA TYR B 49 -14.16 -14.45 4.26
C TYR B 49 -12.82 -14.45 3.53
N PHE B 50 -11.78 -14.10 4.27
CA PHE B 50 -10.43 -13.98 3.77
C PHE B 50 -10.32 -13.04 2.58
N LEU B 51 -11.04 -11.92 2.64
CA LEU B 51 -10.99 -10.96 1.53
C LEU B 51 -9.88 -10.01 1.86
N THR B 52 -9.24 -9.45 0.83
CA THR B 52 -8.10 -8.50 1.05
C THR B 52 -8.45 -7.06 0.97
N ASP B 53 -7.53 -6.21 1.38
CA ASP B 53 -7.74 -4.78 1.19
C ASP B 53 -8.03 -4.38 -0.21
N PRO B 54 -7.27 -4.87 -1.23
CA PRO B 54 -7.57 -4.45 -2.60
C PRO B 54 -8.98 -4.81 -3.07
N GLU B 55 -9.49 -5.95 -2.64
CA GLU B 55 -10.87 -6.32 -2.95
C GLU B 55 -11.91 -5.43 -2.26
N LEU B 56 -11.74 -5.28 -0.97
CA LEU B 56 -12.76 -4.56 -0.18
C LEU B 56 -12.70 -3.10 -0.48
N ASN B 57 -11.55 -2.62 -0.97
CA ASN B 57 -11.36 -1.21 -1.24
C ASN B 57 -11.91 -0.89 -2.65
N ASP B 58 -12.25 -1.90 -3.43
CA ASP B 58 -12.67 -1.70 -4.82
C ASP B 58 -14.16 -1.27 -4.77
N GLU B 59 -14.40 0.01 -4.92
CA GLU B 59 -15.80 0.54 -5.02
C GLU B 59 -16.65 0.05 -6.17
N ASP B 60 -16.04 -0.48 -7.20
CA ASP B 60 -16.82 -1.05 -8.29
C ASP B 60 -17.35 -2.41 -7.88
N LEU B 61 -16.72 -3.06 -6.90
CA LEU B 61 -17.04 -4.46 -6.48
C LEU B 61 -18.06 -4.67 -5.29
N PHE B 62 -18.06 -3.75 -4.37
CA PHE B 62 -19.01 -3.82 -3.21
C PHE B 62 -19.63 -2.50 -2.92
N HIS B 63 -20.88 -2.54 -2.50
CA HIS B 63 -21.49 -1.33 -1.93
C HIS B 63 -20.96 -1.26 -0.54
N ARG B 64 -20.93 -0.07 0.03
CA ARG B 64 -20.55 -0.01 1.41
C ARG B 64 -21.14 1.26 2.07
N LEU B 65 -21.44 1.12 3.34
CA LEU B 65 -21.82 2.20 4.20
C LEU B 65 -20.66 2.57 5.10
N GLU B 66 -20.34 3.86 5.17
CA GLU B 66 -19.33 4.33 6.12
C GLU B 66 -19.94 5.04 7.28
N LYS B 67 -19.32 4.86 8.43
CA LYS B 67 -19.71 5.57 9.64
C LYS B 67 -18.49 6.00 10.43
N PRO B 68 -18.69 6.96 11.38
CA PRO B 68 -17.59 7.28 12.29
C PRO B 68 -17.08 6.00 12.94
N ASN B 69 -15.78 5.93 13.16
CA ASN B 69 -15.16 4.84 13.85
C ASN B 69 -15.68 4.91 15.33
N PRO B 70 -16.25 3.82 15.85
CA PRO B 70 -16.79 3.83 17.23
C PRO B 70 -15.76 4.06 18.33
N HIS B 71 -14.49 3.77 18.07
CA HIS B 71 -13.47 3.97 19.09
C HIS B 71 -13.08 5.43 19.24
N SER B 72 -13.14 6.14 18.15
CA SER B 72 -12.85 7.58 18.08
C SER B 72 -13.13 8.07 16.66
N GLY B 73 -13.83 9.21 16.58
CA GLY B 73 -13.98 9.98 15.35
C GLY B 73 -12.72 10.42 14.64
N THR B 74 -11.59 10.49 15.29
CA THR B 74 -10.28 10.71 14.62
C THR B 74 -9.62 9.49 13.99
N PHE B 75 -10.15 8.30 14.25
CA PHE B 75 -9.62 7.09 13.66
C PHE B 75 -10.31 6.89 12.31
N ALA B 76 -9.70 6.08 11.45
CA ALA B 76 -10.24 5.74 10.13
C ALA B 76 -11.74 5.29 10.19
N ARG B 77 -12.58 5.83 9.33
CA ARG B 77 -13.99 5.50 9.31
C ARG B 77 -14.25 4.01 9.19
N MET B 78 -15.28 3.63 9.90
CA MET B 78 -15.76 2.27 9.84
C MET B 78 -16.40 2.01 8.50
N GLN B 79 -16.22 0.81 7.99
CA GLN B 79 -16.81 0.39 6.68
C GLN B 79 -17.67 -0.88 6.84
N LEU B 80 -18.92 -0.81 6.42
CA LEU B 80 -19.92 -1.86 6.63
C LEU B 80 -20.32 -2.39 5.22
N PHE B 81 -20.26 -3.66 5.12
CA PHE B 81 -20.52 -4.43 3.86
C PHE B 81 -21.74 -5.37 4.14
N VAL B 82 -22.52 -5.64 3.10
CA VAL B 82 -23.73 -6.53 3.28
C VAL B 82 -23.28 -7.97 3.04
N ARG B 83 -23.72 -8.82 3.96
CA ARG B 83 -23.28 -10.18 3.94
C ARG B 83 -23.48 -10.81 2.57
N CYS B 84 -24.65 -10.62 1.94
CA CYS B 84 -24.91 -11.38 0.71
C CYS B 84 -23.86 -11.04 -0.40
N GLU B 85 -23.45 -9.78 -0.49
CA GLU B 85 -22.37 -9.37 -1.46
C GLU B 85 -21.02 -9.98 -1.18
N VAL B 86 -20.61 -9.80 0.08
CA VAL B 86 -19.37 -10.36 0.64
C VAL B 86 -19.26 -11.88 0.38
N GLU B 87 -20.30 -12.59 0.74
CA GLU B 87 -20.30 -14.02 0.63
C GLU B 87 -20.25 -14.46 -0.83
N ALA B 88 -21.03 -13.79 -1.66
CA ALA B 88 -21.11 -14.15 -3.08
C ALA B 88 -19.75 -14.03 -3.72
N PHE B 89 -19.01 -12.96 -3.42
CA PHE B 89 -17.64 -12.77 -3.90
C PHE B 89 -16.65 -13.81 -3.32
N ALA B 90 -16.74 -14.05 -2.02
CA ALA B 90 -15.91 -14.97 -1.33
C ALA B 90 -16.03 -16.40 -1.83
N PHE B 91 -17.26 -16.81 -2.11
CA PHE B 91 -17.59 -18.15 -2.69
C PHE B 91 -17.01 -18.29 -4.10
N LYS B 92 -17.00 -17.19 -4.85
CA LYS B 92 -16.35 -17.18 -6.17
C LYS B 92 -14.80 -17.30 -6.02
N LYS B 93 -14.24 -16.59 -5.08
CA LYS B 93 -12.82 -16.60 -4.84
C LYS B 93 -12.27 -17.93 -4.34
N TRP B 94 -13.06 -18.63 -3.56
CA TRP B 94 -12.54 -19.71 -2.80
C TRP B 94 -13.08 -21.03 -3.29
N GLY B 95 -14.18 -21.03 -4.03
CA GLY B 95 -14.79 -22.26 -4.51
C GLY B 95 -15.91 -22.68 -3.58
N GLY B 96 -16.89 -21.78 -3.43
CA GLY B 96 -18.08 -22.08 -2.64
C GLY B 96 -17.78 -22.13 -1.16
N GLU B 97 -18.82 -22.45 -0.40
CA GLU B 97 -18.76 -22.59 1.03
C GLU B 97 -17.68 -23.61 1.39
N GLU B 98 -17.61 -24.64 0.55
CA GLU B 98 -16.67 -25.74 0.75
C GLU B 98 -15.23 -25.21 0.72
N GLY B 99 -14.85 -24.63 -0.40
CA GLY B 99 -13.53 -24.05 -0.56
C GLY B 99 -13.16 -23.07 0.54
N LEU B 100 -14.13 -22.26 0.96
CA LEU B 100 -13.85 -21.35 2.05
C LEU B 100 -13.51 -22.06 3.34
N ASP B 101 -14.29 -23.08 3.66
CA ASP B 101 -14.03 -24.02 4.74
C ASP B 101 -12.59 -24.60 4.64
N GLU B 102 -12.25 -25.08 3.43
CA GLU B 102 -10.86 -25.50 3.13
C GLU B 102 -9.82 -24.46 3.55
N GLU B 103 -10.07 -23.19 3.18
CA GLU B 103 -9.07 -22.14 3.40
C GLU B 103 -8.96 -21.82 4.89
N TRP B 104 -10.10 -21.84 5.59
CA TRP B 104 -10.12 -21.62 7.04
C TRP B 104 -9.24 -22.70 7.72
N GLN B 105 -9.56 -23.96 7.39
CA GLN B 105 -8.74 -25.15 7.77
C GLN B 105 -7.23 -24.84 7.54
N ARG B 106 -6.89 -24.57 6.29
CA ARG B 106 -5.52 -24.34 5.88
C ARG B 106 -4.81 -23.23 6.69
N ARG B 107 -5.53 -22.24 7.24
CA ARG B 107 -4.86 -21.20 8.05
C ARG B 107 -4.72 -21.56 9.54
N GLU B 108 -5.71 -22.25 10.09
CA GLU B 108 -5.56 -22.82 11.46
C GLU B 108 -4.37 -23.81 11.60
N GLU B 109 -4.25 -24.71 10.64
CA GLU B 109 -3.07 -25.56 10.50
C GLU B 109 -1.83 -24.65 10.49
N GLY B 110 -1.85 -23.60 9.65
CA GLY B 110 -0.78 -22.60 9.59
C GLY B 110 -0.22 -22.22 10.96
N LYS B 111 -1.08 -21.61 11.80
CA LYS B 111 -0.71 -21.19 13.19
C LYS B 111 -0.27 -22.28 14.14
N ALA B 112 -0.83 -23.47 14.01
CA ALA B 112 -0.42 -24.60 14.84
C ALA B 112 1.05 -24.92 14.56
N HIS B 113 1.37 -25.06 13.27
CA HIS B 113 2.74 -25.35 12.83
C HIS B 113 3.69 -24.19 13.12
N ARG B 114 3.14 -22.97 13.13
CA ARG B 114 3.93 -21.75 13.40
C ARG B 114 4.05 -21.41 14.90
N ARG B 115 3.59 -22.31 15.78
CA ARG B 115 3.68 -22.14 17.23
C ARG B 115 2.66 -21.13 17.75
P 8FG C 8 -3.16 -13.90 1.09
P 8FG C 8 11.13 -4.50 5.13
OP1 8FG C 8 -4.11 -14.98 0.65
OP1 8FG C 8 12.45 -3.75 5.11
OP2 8FG C 8 -3.64 -12.48 1.24
OP2 8FG C 8 10.08 -4.20 4.09
O5' 8FG C 8 -2.41 -14.36 2.45
O5' 8FG C 8 11.42 -6.05 5.15
N9 8FG C 8 2.31 -11.71 3.40
N9 8FG C 8 6.95 -8.76 5.06
C4 8FG C 8 1.38 -10.78 3.04
C4 8FG C 8 6.80 -7.54 4.53
N3 8FG C 8 0.04 -10.85 2.80
N3 8FG C 8 7.69 -6.53 4.34
C2 8FG C 8 -0.69 -9.75 2.44
C2 8FG C 8 7.34 -5.35 3.78
N2 8FG C 8 -2.02 -9.90 2.21
N2 8FG C 8 8.27 -4.38 3.63
N1 8FG C 8 -0.13 -8.53 2.30
N1 8FG C 8 6.06 -5.11 3.39
C6 8FG C 8 1.18 -8.36 2.51
C6 8FG C 8 5.11 -6.05 3.53
O6 8FG C 8 1.71 -7.23 2.39
O6 8FG C 8 3.94 -5.84 3.18
C5 8FG C 8 1.98 -9.54 2.91
C5 8FG C 8 5.48 -7.36 4.15
N7 8FG C 8 3.28 -9.66 3.19
N7 8FG C 8 4.80 -8.49 4.44
C8 8FG C 8 3.47 -10.96 3.48
C8 8FG C 8 5.70 -9.32 4.98
C31 8FG C 8 6.88 -10.01 4.73
C31 8FG C 8 3.37 -12.08 4.54
C32 8FG C 8 5.71 -10.01 3.96
C32 8FG C 8 3.84 -10.82 4.93
C33 8FG C 8 5.43 -8.87 3.19
C33 8FG C 8 3.00 -9.70 4.89
C34 8FG C 8 6.25 -7.75 3.26
C34 8FG C 8 1.68 -9.84 4.46
C35 8FG C 8 7.37 -7.76 4.07
C35 8FG C 8 1.25 -11.09 4.08
C36 8FG C 8 7.71 -8.88 4.81
C36 8FG C 8 2.06 -12.23 4.11
C37 8FG C 8 6.11 -6.47 2.59
C37 8FG C 8 0.63 -8.84 4.33
C38 8FG C 8 7.27 -5.75 3.09
C38 8FG C 8 -0.45 -9.67 3.84
C39 8FG C 8 8.01 -6.52 3.95
C39 8FG C 8 -0.07 -10.98 3.70
C40 8FG C 8 7.69 -4.45 2.80
C40 8FG C 8 -1.76 -9.31 3.51
C41 8FG C 8 8.85 -3.95 3.39
C41 8FG C 8 -2.63 -10.29 3.05
C42 8FG C 8 9.61 -4.73 4.27
C42 8FG C 8 -2.22 -11.62 2.91
C43 8FG C 8 9.18 -6.04 4.57
C43 8FG C 8 -0.91 -11.99 3.24
N29 8FG C 8 4.89 -11.22 3.81
N29 8FG C 8 5.17 -10.65 5.38
C30 8FG C 8 5.56 -12.29 3.28
C30 8FG C 8 5.54 -11.20 6.59
O44 8FG C 8 5.31 -13.42 3.67
O44 8FG C 8 6.72 -11.24 6.89
C45 8FG C 8 6.60 -12.09 2.22
C45 8FG C 8 4.52 -11.75 7.55
C2' 8FG C 8 1.42 -13.48 5.05
C2' 8FG C 8 9.41 -9.52 4.46
C5' 8FG C 8 -1.53 -13.46 3.12
C5' 8FG C 8 11.09 -6.80 6.32
C4' 8FG C 8 -0.25 -14.21 3.48
C4' 8FG C 8 10.32 -8.05 5.96
O4' 8FG C 8 0.85 -13.58 2.79
O4' 8FG C 8 8.92 -8.10 6.24
C1' 8FG C 8 1.95 -13.16 3.64
C1' 8FG C 8 8.32 -9.21 5.54
C3' 8FG C 8 0.02 -14.12 4.99
C3' 8FG C 8 10.62 -8.56 4.56
O3' 8FG C 8 -0.03 -15.46 5.56
O3' 8FG C 8 11.98 -9.02 4.85
N1 5IU D 2 -11.41 -0.74 15.16
N1 5IU D 2 12.60 -1.60 -14.24
C2 5IU D 2 -10.47 0.24 15.15
C2 5IU D 2 11.30 -1.84 -14.51
N3 5IU D 2 -9.41 0.25 16.13
N3 5IU D 2 10.89 -3.13 -14.91
C4 5IU D 2 -9.33 -0.75 17.10
C4 5IU D 2 11.80 -4.17 -15.04
C5 5IU D 2 -10.34 -1.72 17.10
C5 5IU D 2 13.14 -3.92 -14.77
C6 5IU D 2 -11.38 -1.72 16.16
C6 5IU D 2 13.53 -2.65 -14.37
O2 5IU D 2 -10.46 1.12 14.31
O2 5IU D 2 10.44 -0.96 -14.38
O4 5IU D 2 -8.43 -0.74 17.96
O4 5IU D 2 11.43 -5.30 -15.40
I5 5IU D 2 -10.22 -3.21 18.58
I5 5IU D 2 14.55 -5.47 -14.95
C1' 5IU D 2 -12.52 -0.74 14.17
C1' 5IU D 2 13.10 -0.26 -13.83
C2' 5IU D 2 -12.66 -2.04 13.38
C2' 5IU D 2 13.72 -0.29 -12.44
C3' 5IU D 2 -14.10 -1.88 12.91
C3' 5IU D 2 14.61 0.94 -12.52
C4' 5IU D 2 -14.74 -1.02 14.09
C4' 5IU D 2 15.13 0.93 -13.97
O3' 5IU D 2 -14.25 -1.07 11.75
O3' 5IU D 2 13.86 2.16 -12.21
O4' 5IU D 2 -13.67 -0.50 14.92
O4' 5IU D 2 14.15 0.14 -14.74
C5' 5IU D 2 -15.73 -1.80 14.92
C5' 5IU D 2 16.55 0.36 -14.01
O5' 5IU D 2 -14.95 -2.72 15.66
O5' 5IU D 2 16.53 -0.54 -15.10
P 5IU D 2 -15.24 -3.02 17.14
P 5IU D 2 17.25 -1.97 -15.25
OP1 5IU D 2 -14.37 -4.14 17.38
OP1 5IU D 2 17.09 -2.89 -14.22
OP2 5IU D 2 -15.17 -1.96 18.06
OP2 5IU D 2 16.84 -2.40 -16.51
N1 5IU D 5 -0.62 -0.30 7.92
N1 5IU D 5 3.18 -4.40 -6.01
C2 5IU D 5 -0.37 -0.97 9.10
C2 5IU D 5 3.76 -5.57 -6.37
N3 5IU D 5 -1.05 -2.19 9.36
N3 5IU D 5 5.08 -5.84 -5.99
C4 5IU D 5 -1.98 -2.72 8.44
C4 5IU D 5 5.83 -4.89 -5.25
C5 5IU D 5 -2.29 -2.08 7.24
C5 5IU D 5 5.27 -3.67 -4.89
C6 5IU D 5 -1.59 -0.86 6.99
C6 5IU D 5 3.93 -3.43 -5.28
O2 5IU D 5 0.44 -0.61 9.97
O2 5IU D 5 3.17 -6.45 -7.00
O4 5IU D 5 -2.55 -3.76 8.74
O4 5IU D 5 6.99 -5.18 -4.93
I5 5IU D 5 -3.82 -3.06 5.94
I5 5IU D 5 6.42 -2.19 -3.74
C1' 5IU D 5 0.12 0.99 7.72
C1' 5IU D 5 1.79 -4.06 -6.44
C2' 5IU D 5 0.91 1.19 6.38
C2' 5IU D 5 0.56 -4.47 -5.55
C3' 5IU D 5 0.84 2.77 6.26
C3' 5IU D 5 -0.45 -3.30 -5.98
C4' 5IU D 5 -0.30 3.25 7.20
C4' 5IU D 5 0.32 -2.64 -7.12
O3' 5IU D 5 2.10 3.39 6.61
O3' 5IU D 5 -1.82 -3.75 -6.45
O4' 5IU D 5 -0.85 2.07 7.84
O4' 5IU D 5 1.66 -2.63 -6.48
C5' 5IU D 5 -1.32 4.04 6.38
C5' 5IU D 5 -0.24 -1.28 -7.39
O5' 5IU D 5 -1.85 3.24 5.26
O5' 5IU D 5 0.65 -0.44 -6.64
P 5IU D 5 -3.11 3.95 4.61
P 5IU D 5 0.67 1.06 -6.97
OP1 5IU D 5 -2.70 5.33 4.25
OP1 5IU D 5 -0.66 1.35 -7.48
OP2 5IU D 5 -3.75 3.15 3.53
OP2 5IU D 5 1.25 1.83 -5.83
N1 5IU D 10 9.69 -10.57 -3.58
N1 5IU D 10 -0.29 -9.05 11.72
C2 5IU D 10 8.37 -10.27 -3.75
C2 5IU D 10 0.44 -7.99 11.29
N3 5IU D 10 7.87 -8.99 -3.50
N3 5IU D 10 0.11 -7.28 10.13
C4 5IU D 10 8.72 -7.99 -3.07
C4 5IU D 10 -1.00 -7.67 9.40
C5 5IU D 10 10.07 -8.25 -2.89
C5 5IU D 10 -1.78 -8.75 9.79
C6 5IU D 10 10.58 -9.53 -3.13
C6 5IU D 10 -1.44 -9.46 10.96
O2 5IU D 10 7.54 -11.09 -4.14
O2 5IU D 10 1.43 -7.65 11.95
O4 5IU D 10 8.32 -6.86 -2.85
O4 5IU D 10 -1.32 -7.06 8.38
I5 5IU D 10 11.19 -6.58 -2.22
I5 5IU D 10 -3.45 -9.14 8.47
C1' 5IU D 10 10.20 -11.96 -3.85
C1' 5IU D 10 0.21 -9.70 12.99
C2' 5IU D 10 11.65 -12.03 -4.33
C2' 5IU D 10 -0.81 -10.56 13.73
C3' 5IU D 10 11.72 -13.57 -4.44
C3' 5IU D 10 0.18 -11.40 14.55
C4' 5IU D 10 11.07 -14.01 -3.11
C4' 5IU D 10 1.12 -11.77 13.43
O3' 5IU D 10 10.93 -14.02 -5.56
O3' 5IU D 10 0.98 -10.60 15.48
O4' 5IU D 10 10.25 -12.83 -2.68
O4' 5IU D 10 1.34 -10.57 12.69
C5' 5IU D 10 12.14 -14.51 -2.16
C5' 5IU D 10 0.42 -12.62 12.46
O5' 5IU D 10 13.19 -13.54 -2.18
O5' 5IU D 10 0.60 -13.94 12.93
P 5IU D 10 14.16 -13.27 -0.90
P 5IU D 10 -0.71 -14.74 12.76
OP1 5IU D 10 14.77 -14.54 -0.43
OP1 5IU D 10 -0.48 -16.10 13.31
OP2 5IU D 10 15.03 -12.12 -1.26
OP2 5IU D 10 -1.83 -13.90 13.27
ZN ZN E . 33.75 21.17 -9.92
ZN ZN F . -40.03 -7.92 4.32
#